data_5YNP
#
_entry.id   5YNP
#
_cell.length_a   67.880
_cell.length_b   70.045
_cell.length_c   119.720
_cell.angle_alpha   90.00
_cell.angle_beta   90.00
_cell.angle_gamma   90.00
#
_symmetry.space_group_name_H-M   'P 21 2 21'
#
loop_
_entity.id
_entity.type
_entity.pdbx_description
1 polymer 'nsp16 protein'
2 polymer 'nsp10 protein'
3 non-polymer SINEFUNGIN
4 non-polymer "P1-7-METHYLGUANOSINE-P3-ADENOSINE-5',5'-TRIPHOSPHATE"
5 non-polymer 'ZINC ION'
6 water water
#
loop_
_entity_poly.entity_id
_entity_poly.type
_entity_poly.pdbx_seq_one_letter_code
_entity_poly.pdbx_strand_id
1 'polypeptide(L)'
;ASADWKPGHAMPSLFKVQNVNLERCELANYKQSIPMPRGVHMNIAKYMQLCQYLNTCTLAVPANMRVIHFGAGSDKGIAP
GTSVLRQWLPTDAIIIDNDLNEFVSDADITLFGDCVTVRVGQQVDLVISDMYDPTTKNVTGSNESKALFFTYLCNLINNN
LALGGSVAIKITEHSWSVELYELMGKFAWWTVFCTNANASSSEGFLLGINYLGTIKENIDGGAMHANYIFWRNSTPMNLS
TYSLFDLSKFQLKLKGTPVLQLKESQINELVISLLSQGKLLIRDNDTLSVSTDVLVNTYRKLR
;
A
2 'polypeptide(L)'
;AGSNTEFASNSSVLSLVNFTVDPQKAYLDFVNAGGAPLTNCVKMLTPKTGTGIAISVKPESTADQETYGGASVCLYCRAH
IEHPDVSGVCKYKGKFVQIPAQCVRDPVGFCLSNTPCNVCQYWIGYGCNCDSLRQAALPQ
;
B
#
loop_
_chem_comp.id
_chem_comp.type
_chem_comp.name
_chem_comp.formula
GTA non-polymer P1-7-METHYLGUANOSINE-P3-ADENOSINE-5',5'-TRIPHOSPHATE 'C21 H30 N10 O17 P3 1'
SFG non-polymer SINEFUNGIN 'C15 H23 N7 O5'
ZN non-polymer 'ZINC ION' 'Zn 2'
#
# COMPACT_ATOMS: atom_id res chain seq x y z
N ALA A 1 -6.10 5.87 -26.40
CA ALA A 1 -4.79 5.26 -26.43
C ALA A 1 -4.76 4.02 -25.55
N SER A 2 -4.16 2.95 -26.06
CA SER A 2 -4.07 1.72 -25.27
C SER A 2 -3.38 1.95 -23.92
N ALA A 3 -2.39 2.84 -23.87
CA ALA A 3 -1.67 3.05 -22.61
C ALA A 3 -2.59 3.59 -21.52
N ASP A 4 -3.70 4.24 -21.89
CA ASP A 4 -4.66 4.72 -20.91
C ASP A 4 -5.31 3.58 -20.13
N TRP A 5 -5.34 2.39 -20.72
CA TRP A 5 -5.97 1.23 -20.10
C TRP A 5 -4.99 0.39 -19.27
N LYS A 6 -3.71 0.71 -19.32
CA LYS A 6 -2.72 0.09 -18.44
C LYS A 6 -2.70 0.83 -17.12
N PRO A 7 -2.16 0.20 -16.06
CA PRO A 7 -2.11 0.88 -14.75
C PRO A 7 -1.14 2.05 -14.72
N GLY A 8 -0.20 2.12 -15.67
CA GLY A 8 0.77 3.19 -15.72
C GLY A 8 1.88 2.83 -16.71
N HIS A 9 3.02 3.51 -16.58
CA HIS A 9 4.16 3.37 -17.49
C HIS A 9 5.41 2.93 -16.73
N ALA A 10 6.14 1.99 -17.32
CA ALA A 10 7.40 1.49 -16.75
C ALA A 10 8.57 1.96 -17.62
N MET A 11 9.60 2.46 -16.97
CA MET A 11 10.74 3.01 -17.67
C MET A 11 11.34 1.99 -18.63
N PRO A 12 11.43 2.31 -19.92
CA PRO A 12 11.92 1.32 -20.89
C PRO A 12 13.44 1.32 -20.94
N SER A 13 13.98 0.21 -21.42
CA SER A 13 15.43 0.11 -21.53
C SER A 13 15.99 1.19 -22.46
N LEU A 14 15.17 1.65 -23.42
CA LEU A 14 15.56 2.75 -24.29
C LEU A 14 16.09 3.94 -23.50
N PHE A 15 15.46 4.25 -22.36
CA PHE A 15 15.97 5.32 -21.52
C PHE A 15 16.96 4.84 -20.47
N LYS A 16 16.93 3.56 -20.09
CA LYS A 16 17.88 3.08 -19.09
C LYS A 16 19.33 3.17 -19.58
N VAL A 17 19.53 3.05 -20.90
CA VAL A 17 20.87 3.00 -21.50
C VAL A 17 21.39 4.36 -21.92
N GLN A 18 20.64 5.44 -21.71
CA GLN A 18 21.14 6.75 -22.11
C GLN A 18 22.21 7.25 -21.14
N ASN A 19 22.91 8.31 -21.55
CA ASN A 19 23.96 8.96 -20.73
C ASN A 19 23.79 10.46 -20.89
N VAL A 20 23.04 11.07 -19.97
CA VAL A 20 22.70 12.48 -20.03
C VAL A 20 22.96 13.10 -18.67
N ASN A 21 22.98 14.43 -18.66
CA ASN A 21 23.05 15.16 -17.41
C ASN A 21 21.67 15.20 -16.76
N LEU A 22 21.67 15.36 -15.45
CA LEU A 22 20.43 15.57 -14.73
C LEU A 22 19.89 16.93 -15.11
N GLU A 23 18.65 16.95 -15.62
CA GLU A 23 17.95 18.19 -15.97
C GLU A 23 16.77 18.39 -15.03
N ARG A 24 16.17 19.58 -15.09
CA ARG A 24 14.94 19.81 -14.36
C ARG A 24 13.82 18.96 -14.97
N CYS A 25 12.86 18.58 -14.13
CA CYS A 25 11.72 17.82 -14.63
C CYS A 25 10.58 18.78 -14.95
N GLU A 26 10.11 18.73 -16.20
CA GLU A 26 9.04 19.61 -16.68
C GLU A 26 7.97 18.76 -17.35
N LEU A 27 6.89 18.49 -16.63
CA LEU A 27 5.78 17.72 -17.15
C LEU A 27 4.72 18.68 -17.70
N ALA A 28 4.20 18.37 -18.89
CA ALA A 28 3.28 19.28 -19.55
C ALA A 28 1.98 19.45 -18.76
N ASN A 29 1.58 18.43 -18.01
CA ASN A 29 0.33 18.45 -17.27
C ASN A 29 0.56 18.59 -15.77
N TYR A 30 1.74 19.09 -15.37
CA TYR A 30 2.18 19.05 -13.98
C TYR A 30 1.09 19.47 -12.99
N LYS A 31 0.92 18.65 -11.96
CA LYS A 31 0.02 18.83 -10.82
C LYS A 31 -1.45 18.82 -11.22
N GLN A 32 -1.77 18.68 -12.50
CA GLN A 32 -3.17 18.50 -12.87
C GLN A 32 -3.70 17.23 -12.22
N SER A 33 -4.97 17.28 -11.81
CA SER A 33 -5.56 16.20 -11.03
C SER A 33 -6.77 15.63 -11.76
N ILE A 34 -7.04 14.36 -11.47
CA ILE A 34 -8.12 13.60 -12.08
C ILE A 34 -9.15 13.31 -11.02
N PRO A 35 -10.44 13.53 -11.27
CA PRO A 35 -11.42 13.16 -10.26
C PRO A 35 -11.45 11.65 -10.06
N MET A 36 -11.69 11.26 -8.86
CA MET A 36 -11.86 9.86 -8.50
C MET A 36 -13.33 9.55 -8.28
N PRO A 37 -13.69 8.27 -8.29
CA PRO A 37 -15.01 7.87 -7.76
C PRO A 37 -15.34 8.52 -6.41
N ARG A 38 -16.62 8.73 -6.16
CA ARG A 38 -17.05 9.53 -5.01
C ARG A 38 -16.53 8.93 -3.70
N GLY A 39 -15.92 9.79 -2.89
CA GLY A 39 -15.38 9.37 -1.60
C GLY A 39 -14.14 8.51 -1.66
N VAL A 40 -13.55 8.28 -2.84
CA VAL A 40 -12.42 7.38 -3.00
C VAL A 40 -11.14 8.21 -2.98
N HIS A 41 -10.34 8.04 -1.94
CA HIS A 41 -9.04 8.72 -1.87
C HIS A 41 -8.22 8.39 -3.11
N MET A 42 -7.49 9.39 -3.62
CA MET A 42 -6.67 9.17 -4.79
C MET A 42 -5.66 8.03 -4.58
N ASN A 43 -5.16 7.88 -3.35
CA ASN A 43 -4.18 6.85 -3.07
C ASN A 43 -4.75 5.44 -3.21
N ILE A 44 -6.07 5.29 -3.16
CA ILE A 44 -6.66 4.01 -3.53
C ILE A 44 -6.25 3.64 -4.94
N ALA A 45 -6.41 4.59 -5.87
CA ALA A 45 -6.11 4.31 -7.26
C ALA A 45 -4.62 4.14 -7.48
N LYS A 46 -3.82 5.00 -6.85
CA LYS A 46 -2.37 4.91 -6.96
C LYS A 46 -1.88 3.53 -6.53
N TYR A 47 -2.30 3.07 -5.35
CA TYR A 47 -1.81 1.80 -4.86
C TYR A 47 -2.34 0.63 -5.68
N MET A 48 -3.59 0.73 -6.13
CA MET A 48 -4.16 -0.34 -6.94
C MET A 48 -3.42 -0.47 -8.27
N GLN A 49 -3.06 0.67 -8.87
CA GLN A 49 -2.32 0.62 -10.12
C GLN A 49 -0.92 0.04 -9.90
N LEU A 50 -0.25 0.44 -8.82
CA LEU A 50 1.01 -0.19 -8.44
C LEU A 50 0.84 -1.69 -8.31
N CYS A 51 -0.22 -2.12 -7.61
CA CYS A 51 -0.45 -3.54 -7.44
C CYS A 51 -0.73 -4.22 -8.77
N GLN A 52 -1.48 -3.56 -9.65
CA GLN A 52 -1.75 -4.15 -10.96
C GLN A 52 -0.45 -4.39 -11.73
N TYR A 53 0.51 -3.46 -11.63
CA TYR A 53 1.77 -3.64 -12.34
C TYR A 53 2.58 -4.77 -11.70
N LEU A 54 2.67 -4.79 -10.37
CA LEU A 54 3.33 -5.89 -9.70
C LEU A 54 2.69 -7.23 -10.02
N ASN A 55 1.40 -7.24 -10.41
CA ASN A 55 0.78 -8.48 -10.87
C ASN A 55 1.44 -9.01 -12.14
N THR A 56 2.13 -8.16 -12.91
CA THR A 56 2.84 -8.61 -14.11
C THR A 56 4.31 -8.90 -13.84
N CYS A 57 4.76 -8.76 -12.61
CA CYS A 57 6.13 -9.03 -12.23
C CYS A 57 6.26 -10.40 -11.59
N THR A 58 7.48 -10.93 -11.57
CA THR A 58 7.75 -12.27 -11.01
C THR A 58 7.85 -12.22 -9.48
N LEU A 59 6.80 -11.69 -8.84
CA LEU A 59 6.79 -11.59 -7.39
C LEU A 59 6.75 -12.98 -6.77
N ALA A 60 7.61 -13.19 -5.78
CA ALA A 60 7.51 -14.38 -4.95
C ALA A 60 6.33 -14.19 -3.99
N VAL A 61 5.43 -15.16 -3.95
CA VAL A 61 4.20 -15.04 -3.16
C VAL A 61 4.04 -16.31 -2.32
N PRO A 62 4.68 -16.39 -1.16
CA PRO A 62 4.57 -17.57 -0.32
C PRO A 62 3.36 -17.47 0.62
N ALA A 63 3.11 -18.56 1.34
CA ALA A 63 2.25 -18.51 2.52
C ALA A 63 2.90 -17.64 3.58
N ASN A 64 2.07 -17.06 4.45
CA ASN A 64 2.52 -16.17 5.52
C ASN A 64 3.50 -15.12 4.98
N MET A 65 3.13 -14.55 3.82
CA MET A 65 3.94 -13.53 3.17
C MET A 65 4.21 -12.36 4.11
N ARG A 66 5.48 -11.97 4.21
CA ARG A 66 5.90 -10.89 5.10
C ARG A 66 6.01 -9.59 4.32
N VAL A 67 5.11 -8.64 4.60
CA VAL A 67 5.08 -7.36 3.90
C VAL A 67 5.22 -6.24 4.90
N ILE A 68 6.08 -5.27 4.61
CA ILE A 68 6.26 -4.11 5.47
C ILE A 68 6.01 -2.87 4.61
N HIS A 69 5.24 -1.93 5.14
CA HIS A 69 4.73 -0.79 4.38
C HIS A 69 5.11 0.49 5.12
N PHE A 70 6.13 1.18 4.63
CA PHE A 70 6.60 2.41 5.27
C PHE A 70 5.91 3.62 4.68
N GLY A 71 5.73 4.63 5.52
CA GLY A 71 4.98 5.80 5.09
C GLY A 71 3.53 5.48 4.81
N ALA A 72 2.92 4.63 5.64
CA ALA A 72 1.56 4.19 5.39
C ALA A 72 0.51 5.20 5.86
N GLY A 73 0.87 6.19 6.72
CA GLY A 73 -0.08 7.13 7.27
C GLY A 73 -0.32 8.36 6.39
N SER A 74 -1.26 9.20 6.82
CA SER A 74 -1.64 10.38 6.06
C SER A 74 -2.03 11.48 7.03
N ASP A 75 -2.22 12.70 6.49
CA ASP A 75 -2.71 13.78 7.34
C ASP A 75 -4.17 13.56 7.74
N LYS A 76 -4.88 12.63 7.12
CA LYS A 76 -6.23 12.32 7.54
C LYS A 76 -6.27 11.27 8.63
N GLY A 77 -5.13 10.78 9.10
CA GLY A 77 -5.11 9.74 10.12
C GLY A 77 -5.50 8.36 9.66
N ILE A 78 -5.68 8.14 8.35
CA ILE A 78 -6.07 6.82 7.86
C ILE A 78 -5.00 6.32 6.91
N ALA A 79 -5.19 5.12 6.36
CA ALA A 79 -4.14 4.40 5.63
C ALA A 79 -4.73 3.73 4.40
N PRO A 80 -5.04 4.51 3.36
CA PRO A 80 -5.70 3.91 2.18
C PRO A 80 -4.86 2.82 1.51
N GLY A 81 -3.58 3.11 1.26
CA GLY A 81 -2.70 2.11 0.64
C GLY A 81 -2.64 0.80 1.39
N THR A 82 -2.53 0.86 2.73
CA THR A 82 -2.52 -0.38 3.51
C THR A 82 -3.77 -1.21 3.24
N SER A 83 -4.92 -0.54 3.14
CA SER A 83 -6.16 -1.26 2.85
C SER A 83 -6.13 -1.89 1.47
N VAL A 84 -5.59 -1.17 0.49
CA VAL A 84 -5.39 -1.77 -0.85
C VAL A 84 -4.51 -3.00 -0.75
N LEU A 85 -3.42 -2.92 0.03
CA LEU A 85 -2.56 -4.08 0.20
C LEU A 85 -3.32 -5.25 0.83
N ARG A 86 -4.14 -4.96 1.86
CA ARG A 86 -5.00 -5.99 2.43
C ARG A 86 -5.91 -6.61 1.37
N GLN A 87 -6.50 -5.78 0.52
CA GLN A 87 -7.33 -6.30 -0.57
C GLN A 87 -6.51 -7.10 -1.58
N TRP A 88 -5.28 -6.69 -1.83
CA TRP A 88 -4.48 -7.28 -2.92
C TRP A 88 -3.83 -8.59 -2.51
N LEU A 89 -3.26 -8.63 -1.31
CA LEU A 89 -2.36 -9.71 -0.86
C LEU A 89 -3.15 -10.93 -0.42
N PRO A 90 -2.49 -12.08 -0.27
CA PRO A 90 -3.19 -13.25 0.28
C PRO A 90 -3.69 -13.01 1.69
N THR A 91 -4.79 -13.69 2.03
CA THR A 91 -5.41 -13.50 3.34
C THR A 91 -4.46 -13.79 4.49
N ASP A 92 -3.54 -14.75 4.32
CA ASP A 92 -2.60 -15.11 5.36
C ASP A 92 -1.31 -14.27 5.31
N ALA A 93 -1.23 -13.26 4.45
CA ALA A 93 -0.08 -12.39 4.47
C ALA A 93 -0.07 -11.51 5.71
N ILE A 94 1.13 -11.18 6.18
CA ILE A 94 1.31 -10.32 7.34
C ILE A 94 1.69 -8.94 6.83
N ILE A 95 0.90 -7.93 7.18
CA ILE A 95 1.23 -6.54 6.87
C ILE A 95 1.67 -5.83 8.15
N ILE A 96 2.87 -5.30 8.13
CA ILE A 96 3.36 -4.38 9.14
C ILE A 96 3.47 -3.02 8.46
N ASP A 97 2.86 -2.00 9.04
CA ASP A 97 3.01 -0.68 8.44
C ASP A 97 3.54 0.29 9.48
N ASN A 98 3.90 1.48 9.02
CA ASN A 98 4.64 2.41 9.85
C ASN A 98 4.51 3.79 9.26
N ASP A 99 4.60 4.80 10.12
CA ASP A 99 4.60 6.19 9.70
C ASP A 99 5.06 7.03 10.88
N LEU A 100 5.64 8.20 10.56
CA LEU A 100 6.04 9.13 11.61
C LEU A 100 4.87 9.50 12.51
N ASN A 101 3.72 9.77 11.92
CA ASN A 101 2.55 10.26 12.64
C ASN A 101 1.54 9.14 12.85
N GLU A 102 0.65 9.37 13.81
CA GLU A 102 -0.36 8.41 14.22
C GLU A 102 -1.41 8.23 13.14
N PHE A 103 -1.90 7.00 13.02
CA PHE A 103 -2.92 6.66 12.04
C PHE A 103 -3.50 5.34 12.48
N VAL A 104 -4.55 4.92 11.79
CA VAL A 104 -5.12 3.61 12.05
C VAL A 104 -5.31 2.93 10.71
N SER A 105 -5.11 1.60 10.70
CA SER A 105 -4.99 0.87 9.44
C SER A 105 -5.46 -0.57 9.64
N ASP A 106 -5.59 -1.26 8.53
CA ASP A 106 -5.96 -2.66 8.54
C ASP A 106 -4.75 -3.59 8.51
N ALA A 107 -3.59 -3.08 8.93
CA ALA A 107 -2.41 -3.91 9.01
C ALA A 107 -2.48 -4.82 10.24
N ASP A 108 -1.68 -5.90 10.22
CA ASP A 108 -1.56 -6.72 11.41
C ASP A 108 -0.82 -5.99 12.51
N ILE A 109 0.28 -5.32 12.18
CA ILE A 109 1.08 -4.56 13.14
C ILE A 109 1.28 -3.16 12.60
N THR A 110 1.17 -2.17 13.49
CA THR A 110 1.28 -0.77 13.12
C THR A 110 2.23 -0.09 14.10
N LEU A 111 3.32 0.48 13.59
CA LEU A 111 4.35 1.09 14.42
C LEU A 111 4.44 2.57 14.11
N PHE A 112 4.30 3.40 15.14
CA PHE A 112 4.44 4.85 15.00
C PHE A 112 5.88 5.26 15.27
N GLY A 113 6.30 6.34 14.63
CA GLY A 113 7.66 6.85 14.77
C GLY A 113 8.45 6.75 13.47
N ASP A 114 9.64 7.34 13.52
CA ASP A 114 10.57 7.29 12.40
C ASP A 114 10.86 5.85 12.01
N CYS A 115 10.94 5.60 10.70
CA CYS A 115 11.17 4.23 10.22
C CYS A 115 12.45 3.65 10.82
N VAL A 116 13.42 4.50 11.19
CA VAL A 116 14.63 4.01 11.84
C VAL A 116 14.34 3.33 13.18
N THR A 117 13.18 3.62 13.78
CA THR A 117 12.79 2.93 15.01
C THR A 117 12.24 1.53 14.76
N VAL A 118 11.98 1.18 13.49
CA VAL A 118 11.39 -0.12 13.17
C VAL A 118 12.48 -1.18 13.08
N ARG A 119 12.52 -2.09 14.05
CA ARG A 119 13.50 -3.16 14.08
C ARG A 119 12.85 -4.41 13.53
N VAL A 120 13.34 -4.85 12.37
CA VAL A 120 12.88 -6.06 11.69
C VAL A 120 13.79 -7.20 12.12
N GLY A 121 13.26 -8.14 12.88
CA GLY A 121 14.09 -9.22 13.38
C GLY A 121 14.46 -10.22 12.31
N GLN A 122 13.51 -10.55 11.44
CA GLN A 122 13.68 -11.54 10.40
C GLN A 122 13.67 -10.85 9.03
N GLN A 123 13.88 -11.63 7.98
CA GLN A 123 13.84 -11.07 6.64
C GLN A 123 12.42 -11.08 6.09
N VAL A 124 12.08 -10.07 5.30
CA VAL A 124 10.73 -9.91 4.80
C VAL A 124 10.74 -10.23 3.31
N ASP A 125 9.55 -10.31 2.74
CA ASP A 125 9.38 -10.73 1.36
C ASP A 125 9.08 -9.59 0.41
N LEU A 126 8.53 -8.50 0.92
CA LEU A 126 8.08 -7.41 0.06
C LEU A 126 8.10 -6.13 0.89
N VAL A 127 8.78 -5.11 0.39
CA VAL A 127 8.86 -3.81 1.04
C VAL A 127 8.18 -2.79 0.13
N ILE A 128 7.17 -2.12 0.64
CA ILE A 128 6.55 -0.98 -0.02
C ILE A 128 6.94 0.24 0.78
N SER A 129 7.41 1.29 0.11
CA SER A 129 7.65 2.56 0.78
C SER A 129 6.97 3.67 0.02
N ASP A 130 6.18 4.48 0.74
CA ASP A 130 5.58 5.68 0.18
C ASP A 130 6.02 6.90 0.99
N MET A 131 7.15 6.76 1.68
CA MET A 131 7.73 7.84 2.46
C MET A 131 8.15 8.99 1.57
N TYR A 132 7.91 10.20 2.06
CA TYR A 132 8.38 11.43 1.44
C TYR A 132 8.58 12.42 2.57
N ASP A 133 9.72 13.11 2.55
CA ASP A 133 10.04 14.07 3.58
C ASP A 133 9.62 15.46 3.12
N PRO A 134 8.77 16.16 3.87
CA PRO A 134 8.31 17.50 3.46
C PRO A 134 9.42 18.49 3.15
N THR A 135 10.58 18.38 3.81
CA THR A 135 11.65 19.33 3.54
C THR A 135 12.16 19.22 2.11
N THR A 136 11.90 18.10 1.43
CA THR A 136 12.30 17.96 0.03
C THR A 136 11.70 19.06 -0.85
N LYS A 137 10.58 19.66 -0.44
CA LYS A 137 9.98 20.75 -1.20
C LYS A 137 10.80 22.04 -1.14
N ASN A 138 11.73 22.19 -0.19
CA ASN A 138 12.61 23.35 -0.14
C ASN A 138 13.75 23.15 -1.13
N VAL A 139 13.49 23.48 -2.39
CA VAL A 139 14.50 23.36 -3.43
C VAL A 139 15.37 24.60 -3.37
N THR A 140 16.60 24.44 -2.87
CA THR A 140 17.52 25.57 -2.76
C THR A 140 18.55 25.54 -3.88
N GLY A 141 19.47 24.56 -3.84
CA GLY A 141 20.52 24.53 -4.83
C GLY A 141 20.38 23.39 -5.83
N SER A 142 21.47 22.67 -6.04
CA SER A 142 21.49 21.58 -7.00
C SER A 142 20.73 20.38 -6.44
N ASN A 143 20.13 19.60 -7.35
CA ASN A 143 19.40 18.38 -7.00
C ASN A 143 20.40 17.25 -6.83
N GLU A 144 20.81 17.03 -5.58
CA GLU A 144 21.79 16.00 -5.25
C GLU A 144 21.08 14.79 -4.65
N SER A 145 21.79 13.67 -4.63
CA SER A 145 21.27 12.48 -3.97
C SER A 145 20.90 12.79 -2.52
N LYS A 146 19.88 12.10 -2.02
CA LYS A 146 19.34 12.40 -0.71
C LYS A 146 19.61 11.25 0.25
N ALA A 147 19.69 11.58 1.54
CA ALA A 147 19.87 10.55 2.55
C ALA A 147 18.51 10.21 3.14
N LEU A 148 18.12 10.95 4.19
CA LEU A 148 16.81 10.85 4.85
C LEU A 148 16.52 9.38 5.16
N PHE A 149 15.34 8.87 4.82
CA PHE A 149 14.96 7.48 5.06
C PHE A 149 15.60 6.51 4.08
N PHE A 150 16.25 7.01 3.02
CA PHE A 150 16.85 6.11 2.04
C PHE A 150 18.01 5.33 2.66
N THR A 151 18.74 5.95 3.58
CA THR A 151 19.81 5.24 4.28
C THR A 151 19.26 3.99 4.95
N TYR A 152 18.20 4.16 5.74
CA TYR A 152 17.55 3.03 6.39
C TYR A 152 17.08 2.00 5.36
N LEU A 153 16.48 2.47 4.26
CA LEU A 153 15.94 1.53 3.29
C LEU A 153 17.06 0.76 2.59
N CYS A 154 18.20 1.42 2.34
CA CYS A 154 19.32 0.74 1.70
C CYS A 154 19.88 -0.35 2.60
N ASN A 155 19.97 -0.07 3.90
CA ASN A 155 20.47 -1.07 4.82
C ASN A 155 19.48 -2.21 4.95
N LEU A 156 18.19 -1.92 4.86
CA LEU A 156 17.17 -2.96 4.91
C LEU A 156 17.34 -3.95 3.76
N ILE A 157 17.53 -3.44 2.55
CA ILE A 157 17.69 -4.30 1.39
C ILE A 157 18.91 -5.21 1.56
N ASN A 158 19.96 -4.71 2.18
CA ASN A 158 21.19 -5.47 2.35
C ASN A 158 21.09 -6.49 3.47
N ASN A 159 20.17 -6.35 4.40
CA ASN A 159 20.23 -7.21 5.57
C ASN A 159 18.92 -7.92 5.89
N ASN A 160 17.78 -7.28 5.59
CA ASN A 160 16.50 -7.77 6.10
C ASN A 160 15.53 -8.14 4.98
N LEU A 161 16.03 -8.38 3.77
CA LEU A 161 15.18 -8.73 2.63
C LEU A 161 15.54 -10.13 2.16
N ALA A 162 14.53 -11.00 2.02
CA ALA A 162 14.78 -12.36 1.58
C ALA A 162 15.36 -12.38 0.17
N LEU A 163 16.25 -13.34 -0.07
CA LEU A 163 16.58 -13.66 -1.44
C LEU A 163 15.29 -13.99 -2.18
N GLY A 164 15.07 -13.30 -3.30
CA GLY A 164 13.84 -13.46 -4.05
C GLY A 164 12.77 -12.44 -3.71
N GLY A 165 12.92 -11.70 -2.62
CA GLY A 165 11.97 -10.66 -2.28
C GLY A 165 12.08 -9.45 -3.18
N SER A 166 11.11 -8.55 -3.05
CA SER A 166 11.02 -7.40 -3.94
C SER A 166 10.74 -6.14 -3.14
N VAL A 167 11.03 -4.99 -3.73
CA VAL A 167 10.76 -3.70 -3.13
C VAL A 167 10.08 -2.80 -4.16
N ALA A 168 9.31 -1.85 -3.65
CA ALA A 168 8.69 -0.80 -4.45
C ALA A 168 8.81 0.46 -3.61
N ILE A 169 9.64 1.40 -4.05
CA ILE A 169 10.02 2.52 -3.21
C ILE A 169 9.75 3.81 -3.96
N LYS A 170 8.97 4.71 -3.34
CA LYS A 170 8.57 5.95 -3.98
C LYS A 170 9.74 6.92 -4.07
N ILE A 171 9.93 7.46 -5.25
CA ILE A 171 10.87 8.53 -5.51
C ILE A 171 10.14 9.64 -6.26
N THR A 172 10.72 10.82 -6.27
CA THR A 172 10.24 11.91 -7.10
C THR A 172 11.46 12.54 -7.75
N GLU A 173 11.26 13.68 -8.41
CA GLU A 173 12.39 14.34 -9.05
C GLU A 173 13.47 14.68 -8.04
N HIS A 174 13.06 15.16 -6.86
CA HIS A 174 14.00 15.60 -5.83
C HIS A 174 14.14 14.62 -4.67
N SER A 175 13.27 13.62 -4.57
CA SER A 175 13.35 12.65 -3.49
C SER A 175 13.85 11.35 -4.10
N TRP A 176 15.17 11.16 -4.06
CA TRP A 176 15.81 10.01 -4.70
C TRP A 176 17.18 9.81 -4.05
N SER A 177 17.78 8.63 -4.30
CA SER A 177 19.04 8.23 -3.71
C SER A 177 19.92 7.48 -4.72
N VAL A 178 21.18 7.93 -4.86
CA VAL A 178 22.15 7.21 -5.69
C VAL A 178 22.30 5.76 -5.22
N GLU A 179 22.48 5.56 -3.91
CA GLU A 179 22.66 4.22 -3.36
C GLU A 179 21.50 3.30 -3.71
N LEU A 180 20.27 3.80 -3.59
CA LEU A 180 19.11 2.94 -3.85
C LEU A 180 19.06 2.52 -5.32
N TYR A 181 19.35 3.43 -6.26
CA TYR A 181 19.46 3.03 -7.67
C TYR A 181 20.52 1.96 -7.85
N GLU A 182 21.70 2.14 -7.24
CA GLU A 182 22.74 1.14 -7.33
C GLU A 182 22.25 -0.22 -6.86
N LEU A 183 21.48 -0.26 -5.77
CA LEU A 183 21.02 -1.54 -5.22
C LEU A 183 20.03 -2.23 -6.13
N MET A 184 19.36 -1.50 -7.03
CA MET A 184 18.55 -2.18 -8.03
C MET A 184 19.39 -3.18 -8.82
N GLY A 185 20.71 -2.96 -8.91
CA GLY A 185 21.58 -3.89 -9.59
C GLY A 185 21.71 -5.24 -8.92
N LYS A 186 21.22 -5.38 -7.69
CA LYS A 186 21.31 -6.63 -6.96
C LYS A 186 20.03 -7.45 -7.03
N PHE A 187 19.11 -7.07 -7.92
CA PHE A 187 17.88 -7.81 -8.16
C PHE A 187 17.93 -8.41 -9.56
N ALA A 188 17.06 -9.39 -9.80
CA ALA A 188 16.99 -9.98 -11.12
C ALA A 188 16.55 -8.95 -12.16
N TRP A 189 15.74 -7.98 -11.78
CA TRP A 189 15.18 -7.01 -12.71
C TRP A 189 14.72 -5.81 -11.92
N TRP A 190 14.63 -4.66 -12.59
CA TRP A 190 14.25 -3.42 -11.92
C TRP A 190 13.67 -2.48 -12.97
N THR A 191 12.88 -1.52 -12.50
CA THR A 191 12.37 -0.45 -13.34
C THR A 191 11.88 0.67 -12.45
N VAL A 192 11.38 1.75 -13.07
CA VAL A 192 10.62 2.77 -12.36
C VAL A 192 9.21 2.78 -12.95
N PHE A 193 8.20 2.68 -12.09
CA PHE A 193 6.81 2.59 -12.54
C PHE A 193 6.04 3.81 -12.08
N CYS A 194 5.38 4.47 -13.02
CA CYS A 194 4.56 5.66 -12.78
C CYS A 194 3.11 5.33 -13.00
N THR A 195 2.29 5.45 -11.95
CA THR A 195 0.86 5.19 -12.09
C THR A 195 0.22 6.21 -13.04
N ASN A 196 -0.79 5.75 -13.77
CA ASN A 196 -1.58 6.67 -14.59
C ASN A 196 -2.44 7.60 -13.72
N ALA A 197 -2.86 7.15 -12.54
CA ALA A 197 -3.71 7.99 -11.70
C ALA A 197 -2.99 9.25 -11.24
N ASN A 198 -1.66 9.22 -11.23
CA ASN A 198 -0.87 10.37 -10.79
C ASN A 198 0.23 10.66 -11.80
N ALA A 199 -0.07 10.52 -13.10
CA ALA A 199 0.94 10.69 -14.13
C ALA A 199 1.44 12.12 -14.25
N SER A 200 0.74 13.08 -13.64
CA SER A 200 1.15 14.49 -13.71
C SER A 200 2.18 14.86 -12.65
N SER A 201 2.69 13.88 -11.91
CA SER A 201 3.69 14.10 -10.88
C SER A 201 4.96 13.40 -11.32
N SER A 202 6.11 13.92 -10.90
CA SER A 202 7.37 13.21 -11.15
C SER A 202 7.49 11.97 -10.28
N GLU A 203 6.50 11.69 -9.43
CA GLU A 203 6.55 10.49 -8.62
C GLU A 203 6.76 9.26 -9.49
N GLY A 204 7.50 8.29 -8.95
CA GLY A 204 7.59 6.96 -9.52
C GLY A 204 7.98 5.99 -8.44
N PHE A 205 7.65 4.73 -8.66
CA PHE A 205 8.01 3.67 -7.73
C PHE A 205 9.20 2.90 -8.29
N LEU A 206 10.34 3.04 -7.62
CA LEU A 206 11.56 2.31 -7.95
C LEU A 206 11.35 0.85 -7.55
N LEU A 207 11.30 -0.04 -8.54
CA LEU A 207 10.95 -1.44 -8.31
C LEU A 207 12.20 -2.30 -8.39
N GLY A 208 12.49 -3.04 -7.34
CA GLY A 208 13.45 -4.13 -7.46
C GLY A 208 12.77 -5.49 -7.34
N ILE A 209 12.82 -6.30 -8.40
CA ILE A 209 12.08 -7.56 -8.47
C ILE A 209 13.05 -8.74 -8.31
N ASN A 210 12.86 -9.53 -7.23
CA ASN A 210 13.65 -10.73 -6.92
C ASN A 210 15.09 -10.43 -6.52
N TYR A 211 15.31 -10.25 -5.22
CA TYR A 211 16.62 -9.91 -4.69
C TYR A 211 17.58 -11.09 -4.80
N LEU A 212 18.79 -10.84 -5.30
CA LEU A 212 19.79 -11.88 -5.50
C LEU A 212 21.00 -11.76 -4.58
N GLY A 213 21.18 -10.64 -3.88
CA GLY A 213 22.26 -10.52 -2.94
C GLY A 213 23.63 -10.27 -3.53
N THR A 214 23.76 -10.26 -4.85
CA THR A 214 25.00 -9.96 -5.55
C THR A 214 24.68 -9.03 -6.70
N ILE A 215 25.72 -8.52 -7.35
CA ILE A 215 25.56 -7.46 -8.34
C ILE A 215 25.31 -8.08 -9.72
N LYS A 216 24.09 -7.97 -10.20
CA LYS A 216 23.77 -8.41 -11.55
C LYS A 216 24.07 -7.33 -12.57
N GLU A 217 23.78 -6.08 -12.25
CA GLU A 217 24.01 -4.96 -13.14
C GLU A 217 24.73 -3.89 -12.34
N ASN A 218 25.81 -3.35 -12.89
CA ASN A 218 26.51 -2.23 -12.28
C ASN A 218 25.82 -0.95 -12.73
N ILE A 219 25.23 -0.22 -11.80
CA ILE A 219 24.38 0.92 -12.12
C ILE A 219 25.02 2.17 -11.54
N ASP A 220 25.21 3.18 -12.39
CA ASP A 220 25.59 4.51 -11.95
C ASP A 220 24.29 5.21 -11.53
N GLY A 221 24.07 5.30 -10.21
CA GLY A 221 22.78 5.77 -9.71
C GLY A 221 22.49 7.21 -10.07
N GLY A 222 23.48 8.10 -9.96
CA GLY A 222 23.29 9.48 -10.39
C GLY A 222 22.89 9.59 -11.85
N ALA A 223 23.56 8.83 -12.71
CA ALA A 223 23.21 8.87 -14.13
C ALA A 223 21.84 8.25 -14.39
N MET A 224 21.48 7.22 -13.62
CA MET A 224 20.20 6.55 -13.83
C MET A 224 19.02 7.45 -13.45
N HIS A 225 19.13 8.21 -12.36
CA HIS A 225 18.10 9.20 -12.06
C HIS A 225 17.98 10.21 -13.19
N ALA A 226 19.11 10.63 -13.77
CA ALA A 226 19.08 11.55 -14.90
C ALA A 226 18.37 10.93 -16.09
N ASN A 227 18.57 9.63 -16.31
CA ASN A 227 17.82 8.91 -17.34
C ASN A 227 16.33 8.86 -17.00
N TYR A 228 16.00 8.64 -15.73
CA TYR A 228 14.60 8.62 -15.33
C TYR A 228 13.94 9.95 -15.63
N ILE A 229 14.62 11.05 -15.30
CA ILE A 229 14.11 12.38 -15.59
C ILE A 229 14.04 12.62 -17.09
N PHE A 230 15.05 12.15 -17.83
CA PHE A 230 15.02 12.29 -19.28
C PHE A 230 13.80 11.57 -19.85
N TRP A 231 13.48 10.39 -19.29
CA TRP A 231 12.30 9.65 -19.73
C TRP A 231 11.02 10.41 -19.43
N ARG A 232 10.86 10.90 -18.18
CA ARG A 232 9.67 11.66 -17.84
C ARG A 232 9.51 12.87 -18.76
N ASN A 233 10.61 13.53 -19.10
CA ASN A 233 10.54 14.71 -19.95
C ASN A 233 10.22 14.39 -21.41
N SER A 234 10.44 13.14 -21.85
CA SER A 234 10.26 12.75 -23.24
C SER A 234 8.95 12.04 -23.52
N THR A 235 8.17 11.72 -22.50
CA THR A 235 7.09 10.74 -22.64
C THR A 235 5.75 11.31 -22.20
N PRO A 236 4.85 11.61 -23.13
CA PRO A 236 3.49 12.05 -22.73
C PRO A 236 2.79 10.97 -21.92
N MET A 237 2.26 11.36 -20.77
CA MET A 237 1.49 10.46 -19.92
C MET A 237 0.14 11.11 -19.60
N ASN A 238 -0.94 10.48 -20.06
CA ASN A 238 -2.29 10.95 -19.82
C ASN A 238 -2.81 10.41 -18.51
N LEU A 239 -3.35 11.29 -17.66
CA LEU A 239 -3.90 10.86 -16.38
C LEU A 239 -5.10 9.96 -16.62
N SER A 240 -5.16 8.83 -15.91
CA SER A 240 -6.21 7.88 -16.23
C SER A 240 -6.33 6.85 -15.12
N THR A 241 -7.55 6.32 -14.96
CA THR A 241 -7.83 5.22 -14.07
C THR A 241 -8.62 4.12 -14.78
N TYR A 242 -8.64 4.14 -16.11
CA TYR A 242 -9.36 3.13 -16.88
C TYR A 242 -8.97 1.71 -16.50
N SER A 243 -7.70 1.48 -16.12
CA SER A 243 -7.29 0.11 -15.76
C SER A 243 -8.06 -0.42 -14.56
N LEU A 244 -8.68 0.44 -13.77
CA LEU A 244 -9.44 0.00 -12.60
C LEU A 244 -10.88 -0.35 -12.92
N PHE A 245 -11.28 -0.32 -14.20
CA PHE A 245 -12.64 -0.71 -14.58
C PHE A 245 -12.90 -2.20 -14.39
N ASP A 246 -11.94 -3.04 -14.80
CA ASP A 246 -12.06 -4.49 -14.68
C ASP A 246 -11.10 -4.93 -13.59
N LEU A 247 -11.65 -5.21 -12.41
CA LEU A 247 -10.88 -5.67 -11.25
C LEU A 247 -11.05 -7.15 -10.99
N SER A 248 -11.56 -7.90 -11.97
CA SER A 248 -11.78 -9.33 -11.79
C SER A 248 -10.49 -10.08 -11.50
N LYS A 249 -9.34 -9.56 -11.95
CA LYS A 249 -8.06 -10.22 -11.75
C LYS A 249 -7.14 -9.40 -10.86
N PHE A 250 -7.71 -8.62 -9.94
CA PHE A 250 -6.89 -7.69 -9.18
C PHE A 250 -6.04 -8.40 -8.14
N GLN A 251 -6.56 -9.45 -7.51
CA GLN A 251 -5.86 -10.04 -6.38
C GLN A 251 -4.53 -10.64 -6.83
N LEU A 252 -3.54 -10.59 -5.95
CA LEU A 252 -2.25 -11.17 -6.24
C LEU A 252 -2.40 -12.68 -6.38
N LYS A 253 -1.84 -13.23 -7.46
CA LYS A 253 -1.86 -14.67 -7.69
C LYS A 253 -1.33 -15.42 -6.47
N LEU A 254 -2.04 -16.47 -6.08
CA LEU A 254 -1.65 -17.31 -4.95
C LEU A 254 -0.62 -18.32 -5.45
N LYS A 255 0.63 -17.89 -5.54
CA LYS A 255 1.61 -18.74 -6.19
C LYS A 255 2.13 -19.87 -5.31
N GLY A 256 1.89 -19.82 -4.00
CA GLY A 256 2.48 -20.81 -3.11
C GLY A 256 3.99 -20.91 -3.22
N THR A 257 4.67 -19.79 -3.33
CA THR A 257 6.12 -19.80 -3.51
C THR A 257 6.80 -20.46 -2.32
N PRO A 258 7.68 -21.44 -2.54
CA PRO A 258 8.35 -22.10 -1.41
C PRO A 258 9.40 -21.20 -0.76
N VAL A 259 9.63 -21.45 0.52
CA VAL A 259 10.65 -20.76 1.30
C VAL A 259 11.66 -21.79 1.77
N LEU A 260 12.92 -21.59 1.40
CA LEU A 260 14.01 -22.51 1.71
C LEU A 260 15.06 -21.79 2.55
N GLN A 261 15.72 -22.53 3.43
CA GLN A 261 16.92 -22.05 4.11
C GLN A 261 18.13 -22.68 3.46
N LEU A 262 19.08 -21.85 3.01
CA LEU A 262 20.27 -22.32 2.33
C LEU A 262 21.48 -21.47 2.75
N LYS A 263 22.63 -22.13 2.87
CA LYS A 263 23.89 -21.43 3.03
C LYS A 263 24.33 -20.82 1.71
N GLU A 264 25.17 -19.78 1.79
CA GLU A 264 25.64 -19.09 0.60
C GLU A 264 26.37 -20.06 -0.34
N SER A 265 27.09 -21.04 0.23
CA SER A 265 27.82 -21.99 -0.58
C SER A 265 26.91 -22.85 -1.45
N GLN A 266 25.67 -23.06 -1.03
CA GLN A 266 24.75 -23.96 -1.70
C GLN A 266 23.89 -23.27 -2.76
N ILE A 267 24.11 -21.98 -3.02
CA ILE A 267 23.20 -21.26 -3.92
C ILE A 267 23.33 -21.81 -5.34
N ASN A 268 24.53 -21.78 -5.92
CA ASN A 268 24.72 -22.27 -7.29
C ASN A 268 23.69 -21.71 -8.28
N GLU A 269 23.55 -22.37 -9.44
CA GLU A 269 22.87 -21.78 -10.59
C GLU A 269 21.38 -22.07 -10.64
N LEU A 270 20.97 -23.29 -10.28
CA LEU A 270 19.56 -23.63 -10.21
C LEU A 270 18.82 -22.69 -9.27
N VAL A 271 19.35 -22.52 -8.07
CA VAL A 271 18.73 -21.63 -7.08
C VAL A 271 18.65 -20.22 -7.61
N ILE A 272 19.76 -19.70 -8.17
CA ILE A 272 19.74 -18.34 -8.72
C ILE A 272 18.65 -18.21 -9.76
N SER A 273 18.54 -19.19 -10.63
CA SER A 273 17.50 -19.18 -11.64
C SER A 273 16.12 -19.16 -10.99
N LEU A 274 15.90 -20.01 -9.97
CA LEU A 274 14.59 -20.06 -9.32
C LEU A 274 14.26 -18.74 -8.66
N LEU A 275 15.24 -18.10 -8.02
CA LEU A 275 15.01 -16.79 -7.43
C LEU A 275 14.68 -15.75 -8.49
N SER A 276 15.38 -15.78 -9.63
CA SER A 276 15.17 -14.76 -10.65
C SER A 276 13.80 -14.86 -11.30
N GLN A 277 13.20 -16.05 -11.28
CA GLN A 277 11.89 -16.27 -11.89
C GLN A 277 10.75 -16.10 -10.91
N GLY A 278 11.02 -15.63 -9.70
CA GLY A 278 9.97 -15.51 -8.69
C GLY A 278 9.43 -16.82 -8.18
N LYS A 279 10.25 -17.88 -8.17
CA LYS A 279 9.80 -19.21 -7.80
C LYS A 279 10.40 -19.71 -6.50
N LEU A 280 11.06 -18.85 -5.74
CA LEU A 280 11.80 -19.30 -4.57
C LEU A 280 12.15 -18.11 -3.69
N LEU A 281 12.00 -18.28 -2.39
CA LEU A 281 12.52 -17.34 -1.41
C LEU A 281 13.51 -18.07 -0.51
N ILE A 282 14.62 -17.40 -0.19
CA ILE A 282 15.56 -17.92 0.79
C ILE A 282 15.57 -16.99 1.98
N ARG A 283 15.19 -17.50 3.14
CA ARG A 283 15.15 -16.76 4.38
C ARG A 283 14.74 -17.73 5.47
N ASP A 284 14.76 -17.25 6.71
CA ASP A 284 14.25 -18.03 7.83
C ASP A 284 12.77 -18.31 7.64
N ASN A 285 12.27 -19.32 8.35
CA ASN A 285 10.85 -19.58 8.42
C ASN A 285 10.37 -19.63 9.85
N ASP A 286 10.91 -18.74 10.69
CA ASP A 286 10.50 -18.67 12.09
C ASP A 286 9.21 -17.90 12.25
N THR A 287 9.04 -17.26 13.40
CA THR A 287 7.93 -16.34 13.63
C THR A 287 8.46 -14.92 13.46
N LEU A 288 7.75 -14.14 12.64
CA LEU A 288 8.17 -12.78 12.38
C LEU A 288 8.09 -11.94 13.65
N SER A 289 9.12 -11.13 13.87
CA SER A 289 9.19 -10.22 15.02
C SER A 289 9.62 -8.85 14.52
N VAL A 290 8.67 -7.94 14.40
CA VAL A 290 8.89 -6.58 13.92
C VAL A 290 8.35 -5.64 14.98
N SER A 291 9.24 -4.96 15.70
CA SER A 291 8.84 -4.11 16.82
C SER A 291 9.51 -2.74 16.73
N THR A 292 9.09 -1.86 17.64
CA THR A 292 9.65 -0.51 17.75
C THR A 292 10.73 -0.51 18.82
N ASP A 293 11.86 0.15 18.53
CA ASP A 293 12.98 0.25 19.44
C ASP A 293 13.06 1.65 20.04
N VAL A 294 13.97 1.79 21.01
CA VAL A 294 14.16 3.04 21.73
C VAL A 294 15.45 3.75 21.29
N ASN B 10 -14.20 16.75 11.70
CA ASN B 10 -14.01 15.42 12.26
C ASN B 10 -13.62 15.51 13.73
N SER B 11 -12.67 16.39 14.01
CA SER B 11 -12.15 16.52 15.37
C SER B 11 -13.24 16.83 16.38
N SER B 12 -14.34 17.46 15.94
CA SER B 12 -15.42 17.77 16.87
C SER B 12 -16.10 16.50 17.36
N VAL B 13 -16.61 15.67 16.44
CA VAL B 13 -17.35 14.50 16.88
C VAL B 13 -16.44 13.47 17.55
N LEU B 14 -15.18 13.39 17.14
CA LEU B 14 -14.26 12.44 17.76
C LEU B 14 -13.95 12.85 19.19
N SER B 15 -13.62 14.13 19.41
CA SER B 15 -13.42 14.61 20.77
C SER B 15 -14.70 14.57 21.58
N LEU B 16 -15.85 14.49 20.91
CA LEU B 16 -17.12 14.37 21.61
C LEU B 16 -17.33 12.97 22.18
N VAL B 17 -17.03 11.94 21.40
CA VAL B 17 -17.18 10.55 21.83
C VAL B 17 -16.06 10.18 22.80
N ASN B 18 -15.13 11.11 23.05
CA ASN B 18 -14.07 10.93 24.01
C ASN B 18 -14.39 11.55 25.38
N PHE B 19 -15.59 12.09 25.56
CA PHE B 19 -15.99 12.72 26.80
C PHE B 19 -17.24 12.05 27.37
N THR B 20 -17.38 10.73 27.17
CA THR B 20 -18.60 10.02 27.50
C THR B 20 -18.30 8.55 27.71
N VAL B 21 -19.21 7.88 28.42
CA VAL B 21 -19.08 6.44 28.69
C VAL B 21 -19.81 5.61 27.63
N ASP B 22 -20.66 6.23 26.81
CA ASP B 22 -21.39 5.57 25.73
C ASP B 22 -21.00 6.21 24.40
N PRO B 23 -19.81 5.90 23.88
CA PRO B 23 -19.40 6.53 22.60
C PRO B 23 -20.37 6.24 21.47
N GLN B 24 -20.87 5.00 21.39
CA GLN B 24 -21.83 4.65 20.35
C GLN B 24 -23.05 5.55 20.39
N LYS B 25 -23.66 5.73 21.57
CA LYS B 25 -24.81 6.61 21.68
C LYS B 25 -24.42 8.05 21.37
N ALA B 26 -23.25 8.47 21.86
CA ALA B 26 -22.79 9.83 21.61
C ALA B 26 -22.75 10.14 20.13
N TYR B 27 -22.08 9.27 19.35
CA TYR B 27 -21.96 9.51 17.92
C TYR B 27 -23.33 9.50 17.26
N LEU B 28 -24.16 8.52 17.59
CA LEU B 28 -25.45 8.40 16.93
C LEU B 28 -26.35 9.58 17.26
N ASP B 29 -26.33 10.05 18.51
CA ASP B 29 -27.15 11.21 18.85
C ASP B 29 -26.63 12.47 18.18
N PHE B 30 -25.33 12.54 17.96
CA PHE B 30 -24.76 13.70 17.29
C PHE B 30 -25.17 13.74 15.82
N VAL B 31 -25.13 12.61 15.12
CA VAL B 31 -25.46 12.64 13.70
C VAL B 31 -26.96 12.53 13.47
N ASN B 32 -27.71 11.94 14.40
CA ASN B 32 -29.16 12.01 14.33
C ASN B 32 -29.67 13.43 14.53
N ALA B 33 -28.90 14.27 15.23
CA ALA B 33 -29.25 15.67 15.44
C ALA B 33 -28.67 16.59 14.38
N GLY B 34 -28.18 16.04 13.27
CA GLY B 34 -27.68 16.84 12.16
C GLY B 34 -26.18 17.00 12.10
N GLY B 35 -25.43 16.44 13.04
CA GLY B 35 -23.98 16.57 13.01
C GLY B 35 -23.38 15.89 11.79
N ALA B 36 -22.24 16.41 11.36
CA ALA B 36 -21.58 15.88 10.16
C ALA B 36 -21.00 14.51 10.44
N PRO B 37 -21.36 13.48 9.65
CA PRO B 37 -20.75 12.16 9.87
C PRO B 37 -19.23 12.22 9.79
N LEU B 38 -18.61 11.24 10.42
CA LEU B 38 -17.17 11.13 10.33
C LEU B 38 -16.76 10.91 8.88
N THR B 39 -15.83 11.73 8.40
CA THR B 39 -15.34 11.68 7.03
C THR B 39 -14.12 10.75 6.94
N ASN B 40 -13.62 10.59 5.71
CA ASN B 40 -12.37 9.91 5.38
C ASN B 40 -12.40 8.41 5.69
N CYS B 41 -13.58 7.81 5.72
CA CYS B 41 -13.65 6.36 5.71
C CYS B 41 -13.05 5.85 4.39
N VAL B 42 -12.31 4.74 4.47
CA VAL B 42 -11.57 4.23 3.33
C VAL B 42 -12.45 3.37 2.45
N LYS B 43 -13.09 3.99 1.46
CA LYS B 43 -13.88 3.31 0.46
C LYS B 43 -12.98 2.62 -0.56
N MET B 44 -13.22 1.33 -0.78
CA MET B 44 -12.47 0.56 -1.75
C MET B 44 -13.17 0.55 -3.10
N LEU B 45 -12.39 0.30 -4.15
CA LEU B 45 -12.90 -0.01 -5.49
C LEU B 45 -12.95 -1.52 -5.64
N THR B 46 -14.14 -2.04 -5.94
CA THR B 46 -14.36 -3.47 -5.94
C THR B 46 -15.13 -3.87 -7.19
N PRO B 47 -15.08 -5.14 -7.57
CA PRO B 47 -16.11 -5.66 -8.47
C PRO B 47 -17.33 -6.01 -7.63
N LYS B 48 -18.50 -5.59 -8.07
CA LYS B 48 -19.72 -5.86 -7.32
C LYS B 48 -20.15 -7.31 -7.52
N THR B 49 -19.25 -8.21 -7.14
CA THR B 49 -19.37 -9.66 -7.36
C THR B 49 -19.48 -10.43 -6.06
N GLY B 50 -19.25 -9.80 -4.92
CA GLY B 50 -19.11 -10.52 -3.68
C GLY B 50 -20.41 -11.12 -3.17
N THR B 51 -20.24 -11.96 -2.14
CA THR B 51 -21.36 -12.59 -1.47
C THR B 51 -22.29 -11.58 -0.81
N GLY B 52 -21.77 -10.44 -0.37
CA GLY B 52 -22.61 -9.42 0.22
C GLY B 52 -22.75 -9.48 1.72
N ILE B 53 -21.95 -10.29 2.41
CA ILE B 53 -21.99 -10.39 3.86
C ILE B 53 -21.49 -9.09 4.49
N ALA B 54 -21.63 -8.99 5.81
CA ALA B 54 -21.29 -7.77 6.53
C ALA B 54 -19.78 -7.54 6.56
N ILE B 55 -19.04 -8.51 7.12
CA ILE B 55 -17.61 -8.37 7.36
C ILE B 55 -16.90 -9.56 6.72
N SER B 56 -15.78 -9.29 6.03
CA SER B 56 -15.17 -10.33 5.21
C SER B 56 -13.67 -10.08 5.05
N VAL B 57 -12.93 -11.17 4.88
CA VAL B 57 -11.47 -11.06 4.77
C VAL B 57 -11.09 -10.32 3.49
N LYS B 58 -11.91 -10.42 2.46
CA LYS B 58 -11.73 -9.72 1.20
C LYS B 58 -13.02 -8.98 0.89
N PRO B 59 -12.97 -7.94 0.06
CA PRO B 59 -14.20 -7.23 -0.30
C PRO B 59 -15.25 -8.17 -0.88
N GLU B 60 -16.50 -7.96 -0.46
CA GLU B 60 -17.62 -8.79 -0.88
C GLU B 60 -18.85 -7.93 -1.20
N SER B 61 -18.62 -6.74 -1.76
CA SER B 61 -19.74 -5.89 -2.16
C SER B 61 -20.54 -6.52 -3.29
N THR B 62 -21.87 -6.37 -3.23
CA THR B 62 -22.72 -6.60 -4.37
C THR B 62 -22.98 -5.26 -5.08
N ALA B 63 -23.82 -5.31 -6.13
CA ALA B 63 -24.14 -4.10 -6.87
C ALA B 63 -24.84 -3.05 -6.00
N ASP B 64 -25.34 -3.42 -4.82
CA ASP B 64 -26.05 -2.51 -3.92
C ASP B 64 -25.19 -2.05 -2.75
N GLN B 65 -23.91 -2.43 -2.72
CA GLN B 65 -23.07 -2.17 -1.57
C GLN B 65 -21.79 -1.46 -2.00
N GLU B 66 -21.10 -0.90 -1.00
CA GLU B 66 -19.72 -0.44 -1.12
C GLU B 66 -18.91 -1.08 -0.01
N THR B 67 -17.63 -1.31 -0.28
CA THR B 67 -16.73 -1.92 0.67
C THR B 67 -15.83 -0.85 1.27
N TYR B 68 -15.62 -0.93 2.58
CA TYR B 68 -14.78 0.01 3.29
C TYR B 68 -13.71 -0.76 4.05
N GLY B 69 -12.51 -0.18 4.13
CA GLY B 69 -11.49 -0.71 5.01
C GLY B 69 -12.03 -0.80 6.43
N GLY B 70 -11.80 -1.93 7.09
CA GLY B 70 -12.52 -2.21 8.32
C GLY B 70 -12.22 -1.21 9.43
N ALA B 71 -10.94 -0.91 9.64
CA ALA B 71 -10.55 0.00 10.72
C ALA B 71 -11.19 1.37 10.54
N SER B 72 -11.34 1.82 9.28
CA SER B 72 -11.74 3.19 9.00
C SER B 72 -13.21 3.44 9.29
N VAL B 73 -14.03 2.40 9.36
CA VAL B 73 -15.43 2.54 9.72
C VAL B 73 -15.70 2.13 11.16
N CYS B 74 -14.66 1.86 11.93
CA CYS B 74 -14.80 1.50 13.33
C CYS B 74 -14.61 2.75 14.17
N LEU B 75 -15.67 3.13 14.89
CA LEU B 75 -15.62 4.30 15.77
C LEU B 75 -14.49 4.20 16.79
N TYR B 76 -14.38 3.03 17.43
CA TYR B 76 -13.36 2.82 18.46
C TYR B 76 -11.95 2.83 17.89
N CYS B 77 -11.78 2.41 16.64
CA CYS B 77 -10.48 2.54 15.98
C CYS B 77 -10.18 4.01 15.65
N ARG B 78 -11.17 4.71 15.07
CA ARG B 78 -10.95 6.05 14.55
C ARG B 78 -10.67 7.05 15.66
N ALA B 79 -11.33 6.89 16.81
CA ALA B 79 -11.20 7.79 17.93
C ALA B 79 -10.19 7.33 18.97
N HIS B 80 -9.50 6.21 18.74
CA HIS B 80 -8.45 5.69 19.63
C HIS B 80 -8.94 5.51 21.06
N ILE B 81 -10.07 4.82 21.22
CA ILE B 81 -10.66 4.52 22.52
C ILE B 81 -10.88 3.02 22.63
N GLU B 82 -11.14 2.56 23.85
CA GLU B 82 -11.21 1.13 24.11
C GLU B 82 -12.31 0.46 23.30
N HIS B 83 -11.99 -0.68 22.70
CA HIS B 83 -13.03 -1.42 22.00
C HIS B 83 -13.94 -2.14 23.00
N PRO B 84 -15.26 -2.21 22.73
CA PRO B 84 -16.17 -2.81 23.71
C PRO B 84 -16.19 -4.33 23.70
N ASP B 85 -15.72 -4.96 22.62
CA ASP B 85 -15.64 -6.41 22.54
C ASP B 85 -14.97 -6.99 23.77
N VAL B 86 -15.62 -8.01 24.36
CA VAL B 86 -15.06 -8.63 25.55
C VAL B 86 -13.69 -9.23 25.26
N SER B 87 -13.45 -9.69 24.04
CA SER B 87 -12.15 -10.21 23.65
C SER B 87 -11.11 -9.12 23.43
N GLY B 88 -11.50 -7.84 23.48
CA GLY B 88 -10.59 -6.75 23.18
C GLY B 88 -10.20 -6.61 21.72
N VAL B 89 -10.51 -7.60 20.89
CA VAL B 89 -10.18 -7.58 19.47
C VAL B 89 -11.30 -6.91 18.69
N CYS B 90 -10.94 -5.94 17.85
CA CYS B 90 -11.90 -5.28 16.99
C CYS B 90 -12.53 -6.27 16.01
N LYS B 91 -13.83 -6.10 15.75
CA LYS B 91 -14.49 -6.96 14.79
C LYS B 91 -14.20 -6.56 13.34
N TYR B 92 -13.83 -5.30 13.09
CA TYR B 92 -13.64 -4.78 11.74
C TYR B 92 -12.20 -4.67 11.30
N LYS B 93 -11.31 -4.27 12.21
CA LYS B 93 -9.95 -3.94 11.85
C LYS B 93 -9.26 -5.12 11.17
N GLY B 94 -8.49 -4.84 10.14
CA GLY B 94 -7.88 -5.89 9.34
C GLY B 94 -8.81 -6.58 8.37
N LYS B 95 -10.09 -6.22 8.33
CA LYS B 95 -11.05 -6.86 7.44
C LYS B 95 -11.75 -5.80 6.59
N PHE B 96 -12.76 -6.21 5.84
CA PHE B 96 -13.52 -5.30 4.99
C PHE B 96 -14.99 -5.33 5.41
N VAL B 97 -15.66 -4.18 5.33
CA VAL B 97 -17.04 -4.05 5.77
C VAL B 97 -17.90 -3.57 4.61
N GLN B 98 -18.97 -4.31 4.34
CA GLN B 98 -19.92 -3.96 3.29
C GLN B 98 -21.00 -3.04 3.85
N ILE B 99 -21.25 -1.94 3.14
CA ILE B 99 -22.22 -0.93 3.55
C ILE B 99 -23.27 -0.83 2.44
N PRO B 100 -24.56 -0.87 2.77
CA PRO B 100 -25.59 -0.52 1.76
C PRO B 100 -25.27 0.82 1.12
N ALA B 101 -25.47 0.90 -0.20
CA ALA B 101 -25.01 2.08 -0.94
C ALA B 101 -25.79 3.32 -0.57
N GLN B 102 -27.08 3.19 -0.25
CA GLN B 102 -27.85 4.34 0.20
C GLN B 102 -27.39 4.85 1.57
N CYS B 103 -26.39 4.20 2.18
CA CYS B 103 -25.92 4.59 3.51
C CYS B 103 -24.48 5.09 3.52
N VAL B 104 -23.88 5.34 2.35
CA VAL B 104 -22.47 5.72 2.31
C VAL B 104 -22.21 7.12 2.85
N ARG B 105 -23.27 7.90 3.11
CA ARG B 105 -23.13 9.21 3.73
C ARG B 105 -22.55 9.12 5.13
N ASP B 106 -22.66 7.96 5.79
CA ASP B 106 -22.18 7.79 7.15
C ASP B 106 -21.94 6.31 7.44
N PRO B 107 -20.87 5.73 6.89
CA PRO B 107 -20.58 4.33 7.20
C PRO B 107 -20.48 4.03 8.69
N VAL B 108 -19.81 4.90 9.47
CA VAL B 108 -19.64 4.66 10.90
C VAL B 108 -20.99 4.63 11.61
N GLY B 109 -21.88 5.54 11.25
CA GLY B 109 -23.21 5.52 11.83
C GLY B 109 -23.97 4.24 11.50
N PHE B 110 -23.81 3.75 10.27
CA PHE B 110 -24.50 2.52 9.90
C PHE B 110 -24.01 1.34 10.73
N CYS B 111 -22.68 1.22 10.86
CA CYS B 111 -22.10 0.11 11.60
C CYS B 111 -22.43 0.19 13.08
N LEU B 112 -22.53 1.39 13.63
CA LEU B 112 -22.92 1.55 15.03
C LEU B 112 -24.38 1.21 15.26
N SER B 113 -25.19 1.17 14.20
CA SER B 113 -26.64 1.03 14.31
C SER B 113 -27.14 -0.34 13.87
N ASN B 114 -26.26 -1.23 13.41
CA ASN B 114 -26.70 -2.50 12.89
C ASN B 114 -25.77 -3.60 13.39
N THR B 115 -26.24 -4.84 13.30
CA THR B 115 -25.50 -5.99 13.78
C THR B 115 -25.60 -7.11 12.75
N PRO B 116 -24.50 -7.79 12.46
CA PRO B 116 -24.58 -8.95 11.58
C PRO B 116 -25.25 -10.12 12.28
N CYS B 117 -26.04 -10.87 11.52
CA CYS B 117 -26.75 -12.02 12.04
C CYS B 117 -25.75 -13.08 12.54
N ASN B 118 -26.28 -14.03 13.31
CA ASN B 118 -25.47 -15.10 13.88
C ASN B 118 -25.32 -16.27 12.92
N VAL B 119 -26.43 -16.86 12.52
CA VAL B 119 -26.38 -18.00 11.61
C VAL B 119 -25.72 -17.61 10.30
N CYS B 120 -26.25 -16.63 9.62
CA CYS B 120 -25.65 -16.06 8.42
C CYS B 120 -24.92 -14.78 8.80
N GLN B 121 -23.81 -14.49 8.12
CA GLN B 121 -23.03 -13.32 8.48
C GLN B 121 -23.48 -12.08 7.72
N TYR B 122 -24.78 -11.95 7.44
CA TYR B 122 -25.32 -10.80 6.73
C TYR B 122 -25.93 -9.81 7.72
N TRP B 123 -25.98 -8.55 7.28
CA TRP B 123 -26.59 -7.50 8.09
C TRP B 123 -28.05 -7.81 8.34
N ILE B 124 -28.46 -7.80 9.61
CA ILE B 124 -29.87 -7.95 9.94
C ILE B 124 -30.65 -6.80 9.32
N GLY B 125 -31.62 -7.13 8.48
CA GLY B 125 -32.37 -6.14 7.73
C GLY B 125 -31.73 -5.69 6.44
N TYR B 126 -30.47 -6.04 6.19
CA TYR B 126 -29.76 -5.63 4.98
C TYR B 126 -29.10 -6.82 4.32
N GLY B 127 -29.88 -7.89 4.13
CA GLY B 127 -29.37 -9.08 3.49
C GLY B 127 -29.74 -10.35 4.22
N CYS B 128 -29.82 -10.28 5.54
CA CYS B 128 -30.23 -11.45 6.31
C CYS B 128 -31.65 -11.83 5.92
N ASN B 129 -31.80 -13.02 5.36
CA ASN B 129 -33.10 -13.56 4.96
C ASN B 129 -33.43 -14.80 5.78
N CYS B 130 -33.13 -14.77 7.07
CA CYS B 130 -33.29 -15.92 7.95
C CYS B 130 -34.71 -16.07 8.50
N ASP B 131 -35.66 -15.26 8.03
CA ASP B 131 -37.03 -15.32 8.56
C ASP B 131 -38.04 -15.60 7.47
N SFG C . 0.94 6.09 1.94
CA SFG C . 0.02 7.10 2.46
C SFG C . -1.39 6.82 1.93
O SFG C . -1.67 5.62 1.65
OXT SFG C . -2.18 7.79 1.85
CB SFG C . 0.50 8.52 2.11
CG SFG C . 1.90 8.71 2.73
CD SFG C . 2.31 10.16 2.87
NE SFG C . 1.95 10.89 1.68
C5' SFG C . 3.82 10.22 3.02
C4' SFG C . 4.26 9.76 4.42
O4' SFG C . 5.70 9.61 4.57
C3' SFG C . 3.86 10.81 5.47
O3' SFG C . 2.76 10.26 6.20
C2' SFG C . 5.10 10.87 6.34
O2' SFG C . 4.74 10.92 7.72
C1' SFG C . 5.84 9.57 5.99
N9 SFG C . 7.30 9.63 6.40
C8 SFG C . 8.22 10.54 6.01
N7 SFG C . 9.38 10.25 6.59
C5 SFG C . 9.21 9.16 7.33
C6 SFG C . 10.06 8.46 8.11
N6 SFG C . 11.33 8.88 8.21
N1 SFG C . 9.66 7.38 8.79
C2 SFG C . 8.33 6.98 8.65
N3 SFG C . 7.46 7.71 7.84
C4 SFG C . 7.93 8.79 7.20
N2 GTA D . 6.75 23.71 -13.06
O6 GTA D . 6.90 19.16 -13.56
C6 GTA D . 7.17 20.14 -12.87
C5 GTA D . 7.80 20.04 -11.67
N7 GTA D . 8.26 19.01 -10.97
C7 GTA D . 8.21 17.58 -11.32
C8 GTA D . 8.80 19.45 -9.84
N9 GTA D . 8.69 20.76 -9.84
C4 GTA D . 8.07 21.14 -10.96
N3 GTA D . 7.72 22.36 -11.41
C2 GTA D . 7.10 22.51 -12.60
N1 GTA D . 6.81 21.38 -13.35
O3A GTA D . 7.36 21.19 -5.70
C1A GTA D . 9.17 21.70 -8.79
C2A GTA D . 8.08 22.15 -7.83
C3A GTA D . 8.10 20.96 -6.91
C4A GTA D . 9.58 20.91 -6.63
C5A GTA D . 9.92 19.59 -5.90
O4A GTA D . 10.14 20.95 -7.98
O2A GTA D . 8.56 23.30 -7.18
P1 GTA D . 9.25 17.08 -6.13
O11 GTA D . 10.45 16.22 -6.05
O12 GTA D . 8.44 17.32 -4.91
O13 GTA D . 8.36 16.40 -7.26
O15 GTA D . 9.64 18.49 -6.77
P2 GTA D . 6.80 16.62 -7.53
O22 GTA D . 6.53 15.96 -8.84
O21 GTA D . 6.51 18.05 -7.33
O23 GTA D . 6.11 15.72 -6.37
P3 GTA D . 4.55 15.82 -5.89
O32 GTA D . 4.32 17.16 -5.31
O31 GTA D . 3.65 15.29 -6.94
O33 GTA D . 4.52 14.75 -4.71
C5B GTA D . 4.51 13.36 -5.06
C4B GTA D . 4.16 12.56 -3.81
O4B GTA D . 5.06 12.95 -2.76
C3B GTA D . 2.82 13.01 -3.30
O3B GTA D . 1.78 12.43 -4.10
C2B GTA D . 2.87 12.37 -1.96
O2B GTA D . 2.79 10.95 -2.12
C1B GTA D . 4.29 12.80 -1.54
N9C GTA D . 4.38 14.16 -1.02
C8C GTA D . 4.56 15.33 -1.65
N7C GTA D . 4.57 16.28 -0.71
C5C GTA D . 4.40 15.69 0.48
C6C GTA D . 4.33 16.20 1.72
N6C GTA D . 4.45 17.52 1.85
N1C GTA D . 4.16 15.41 2.79
C2C GTA D . 4.03 14.02 2.61
N3C GTA D . 4.10 13.53 1.29
C4C GTA D . 4.28 14.38 0.27
ZN ZN E . -11.84 -1.08 15.88
ZN ZN F . -29.40 -14.46 9.11
#